data_1FPH
#
_entry.id   1FPH
#
_cell.length_a   90.340
_cell.length_b   90.340
_cell.length_c   132.340
_cell.angle_alpha   90.00
_cell.angle_beta   90.00
_cell.angle_gamma   90.00
#
_symmetry.space_group_name_H-M   'P 43 21 2'
#
loop_
_entity.id
_entity.type
_entity.pdbx_description
1 polymer 'ALPHA-THROMBIN (SMALL SUBUNIT)'
2 polymer 'ALPHA-THROMBIN (LARGE SUBUNIT)'
3 polymer HIRUDIN
4 polymer 'FIBRINOPEPTIDE A'
5 water water
#
loop_
_entity_poly.entity_id
_entity_poly.type
_entity_poly.pdbx_seq_one_letter_code
_entity_poly.pdbx_strand_id
1 'polypeptide(L)' TFGSGEADCGLRPLFEKKSLEDKTERELLESYIDGR L
2 'polypeptide(L)'
;IVEGSDAEIGMSPWQVMLFRKSPQELLCGASLISDRWVLTAAHCLLYPPWDKNFTENDLLVRIGKHSRTRYERNIEKISM
LEKIYIHPRYNWRENLDRDIALMKLKKPVAFSDYIHPVCLPDRETAASLLQAGYKGRVTGWGNLKETWTANVGKGQPSVL
QVVNLPIVERPVCKDSTRIRITDNMFCAGYKPDEGKRGDACEGDSGGPFVMKSPFNNRWYQMGIVSWGEGCDRDGKYGFY
THVFRLKKWIQKVIDQFGE
;
H
3 'polypeptide(L)' GDFEEIPEEYLQ I
4 'polypeptide(L)' (ACE)DFLAEGGGV(AR7)(0QE) F
#
# COMPACT_ATOMS: atom_id res chain seq x y z
N THR A 1 0.06 -11.49 -17.86
CA THR A 1 -1.11 -12.36 -17.85
C THR A 1 -2.28 -11.71 -18.58
N PHE A 2 -2.92 -12.49 -19.44
CA PHE A 2 -4.01 -12.01 -20.27
C PHE A 2 -5.32 -12.00 -19.47
N GLY A 3 -5.31 -11.19 -18.43
CA GLY A 3 -6.38 -11.27 -17.41
C GLY A 3 -7.03 -9.94 -17.05
N SER A 4 -8.22 -9.77 -17.62
CA SER A 4 -9.30 -8.90 -17.14
C SER A 4 -10.50 -9.80 -16.80
N GLY A 5 -11.64 -9.18 -16.51
CA GLY A 5 -12.93 -9.89 -16.52
C GLY A 5 -13.52 -9.95 -15.13
N GLU A 6 -14.85 -9.86 -15.13
CA GLU A 6 -15.80 -10.11 -14.06
C GLU A 6 -15.45 -9.28 -12.86
N ALA A 7 -16.42 -8.70 -12.29
CA ALA A 7 -16.17 -8.03 -11.00
C ALA A 7 -15.38 -6.73 -11.16
N ASP A 8 -16.16 -5.70 -10.95
CA ASP A 8 -15.84 -4.34 -11.25
C ASP A 8 -14.95 -3.80 -10.13
N CYS A 9 -13.70 -3.89 -10.29
CA CYS A 9 -12.81 -3.32 -9.32
C CYS A 9 -12.43 -1.96 -9.85
N GLY A 10 -11.72 -1.21 -9.05
CA GLY A 10 -11.10 0.00 -9.62
C GLY A 10 -12.08 1.15 -9.86
N LEU A 11 -13.39 0.90 -9.85
CA LEU A 11 -14.29 2.05 -10.14
C LEU A 11 -15.05 2.55 -8.91
N ARG A 12 -14.49 3.60 -8.47
CA ARG A 12 -14.67 3.99 -7.09
C ARG A 12 -16.03 4.71 -6.86
N PRO A 13 -16.83 4.21 -5.91
CA PRO A 13 -18.24 4.59 -5.79
C PRO A 13 -18.46 6.10 -5.68
N LEU A 14 -17.62 6.81 -4.95
CA LEU A 14 -17.96 8.24 -4.76
C LEU A 14 -17.44 9.07 -5.92
N PHE A 15 -16.65 8.40 -6.76
CA PHE A 15 -15.85 9.14 -7.74
C PHE A 15 -16.17 8.80 -9.17
N GLU A 16 -15.44 7.85 -9.74
CA GLU A 16 -15.76 7.34 -11.10
C GLU A 16 -17.26 7.06 -11.29
N LYS A 17 -17.76 6.25 -10.43
CA LYS A 17 -19.17 5.89 -10.45
C LYS A 17 -20.10 7.10 -10.49
N LYS A 18 -19.68 8.26 -9.96
CA LYS A 18 -20.56 9.46 -9.93
C LYS A 18 -20.11 10.53 -10.93
N SER A 19 -19.17 10.15 -11.73
CA SER A 19 -18.50 11.10 -12.63
C SER A 19 -17.95 12.32 -11.92
N LEU A 20 -17.38 12.08 -10.76
CA LEU A 20 -16.59 13.12 -10.11
C LEU A 20 -15.09 12.75 -10.09
N GLU A 21 -14.23 13.77 -10.18
CA GLU A 21 -12.78 13.52 -10.04
C GLU A 21 -12.39 13.86 -8.61
N ASP A 22 -11.32 13.25 -8.10
CA ASP A 22 -10.69 13.78 -6.87
C ASP A 22 -9.59 14.77 -7.20
N LYS A 23 -9.23 15.47 -6.16
CA LYS A 23 -8.48 16.71 -6.39
C LYS A 23 -7.09 16.54 -7.01
N THR A 24 -6.44 15.40 -6.89
CA THR A 24 -5.04 15.33 -7.39
C THR A 24 -4.88 14.38 -8.57
N GLU A 25 -5.97 13.74 -8.88
CA GLU A 25 -6.03 12.68 -9.91
C GLU A 25 -5.49 13.12 -11.27
N ARG A 26 -5.83 14.35 -11.66
CA ARG A 26 -5.50 14.78 -13.03
C ARG A 26 -4.00 14.96 -13.26
N GLU A 27 -3.31 15.00 -12.16
CA GLU A 27 -1.87 15.08 -12.13
C GLU A 27 -1.33 13.75 -12.64
N LEU A 28 -2.07 12.72 -12.29
CA LEU A 28 -1.65 11.37 -12.68
C LEU A 28 -1.93 11.18 -14.18
N LEU A 29 -3.15 11.56 -14.55
CA LEU A 29 -3.55 11.43 -15.94
C LEU A 29 -2.64 12.27 -16.82
N GLU A 30 -2.27 13.42 -16.30
CA GLU A 30 -1.39 14.25 -17.13
C GLU A 30 0.01 13.72 -17.24
N SER A 31 0.43 12.91 -16.30
CA SER A 31 1.85 12.52 -16.34
C SER A 31 2.05 11.51 -17.46
N TYR A 32 0.93 11.14 -18.06
CA TYR A 32 1.04 10.20 -19.18
C TYR A 32 1.38 10.97 -20.44
N ILE A 33 1.05 12.27 -20.50
CA ILE A 33 1.42 13.13 -21.65
C ILE A 33 2.61 14.03 -21.27
N ASP A 34 2.76 14.15 -19.95
CA ASP A 34 3.73 14.96 -19.21
C ASP A 34 3.38 16.43 -19.28
N GLY A 35 2.80 16.87 -18.19
CA GLY A 35 2.37 18.28 -17.99
C GLY A 35 2.14 18.63 -16.52
N ARG A 36 1.76 19.90 -16.31
CA ARG A 36 1.38 20.59 -15.05
C ARG A 36 2.24 20.28 -13.82
N ILE B 1 2.89 8.88 5.59
CA ILE B 1 3.26 9.50 4.31
C ILE B 1 3.83 10.90 4.55
N VAL B 2 4.96 11.15 3.91
CA VAL B 2 5.65 12.43 4.01
C VAL B 2 5.26 13.30 2.83
N GLU B 3 4.89 14.52 3.09
CA GLU B 3 4.74 15.55 2.08
C GLU B 3 3.53 15.27 1.23
N GLY B 4 2.58 14.65 1.87
CA GLY B 4 1.34 14.28 1.18
C GLY B 4 0.21 15.23 1.58
N SER B 5 -1.02 14.82 1.41
CA SER B 5 -2.12 15.65 1.89
C SER B 5 -3.24 14.77 2.42
N ASP B 6 -4.17 15.28 3.11
CA ASP B 6 -5.31 14.47 3.52
C ASP B 6 -6.07 13.93 2.30
N ALA B 7 -6.40 12.66 2.37
CA ALA B 7 -7.27 12.07 1.38
C ALA B 7 -8.69 12.59 1.55
N GLU B 8 -9.45 12.67 0.47
CA GLU B 8 -10.92 12.87 0.61
C GLU B 8 -11.58 11.55 1.02
N ILE B 9 -12.80 11.63 1.55
CA ILE B 9 -13.57 10.44 2.04
C ILE B 9 -13.91 9.61 0.81
N GLY B 10 -13.61 8.33 0.86
CA GLY B 10 -14.02 7.46 -0.26
C GLY B 10 -13.02 7.38 -1.40
N MET B 11 -11.93 8.14 -1.28
CA MET B 11 -11.00 8.20 -2.43
C MET B 11 -10.10 6.98 -2.63
N SER B 12 -10.02 6.09 -1.62
CA SER B 12 -9.20 4.86 -1.82
C SER B 12 -9.86 3.74 -1.11
N PRO B 13 -10.99 3.29 -1.65
CA PRO B 13 -11.85 2.38 -0.90
C PRO B 13 -11.21 1.01 -0.62
N TRP B 14 -10.09 0.73 -1.24
CA TRP B 14 -9.40 -0.52 -1.14
C TRP B 14 -8.27 -0.46 -0.13
N GLN B 15 -7.99 0.74 0.37
CA GLN B 15 -7.11 0.92 1.52
C GLN B 15 -7.69 0.22 2.77
N VAL B 16 -6.83 -0.63 3.33
CA VAL B 16 -7.11 -1.45 4.51
C VAL B 16 -6.02 -1.18 5.56
N MET B 17 -6.41 -1.23 6.82
CA MET B 17 -5.54 -1.05 7.98
C MET B 17 -5.27 -2.41 8.63
N LEU B 18 -3.98 -2.62 8.89
CA LEU B 18 -3.53 -3.77 9.67
C LEU B 18 -3.38 -3.42 11.15
N PHE B 19 -4.31 -3.80 11.97
CA PHE B 19 -4.42 -3.37 13.39
C PHE B 19 -4.00 -4.51 14.30
N ARG B 20 -3.05 -4.26 15.17
CA ARG B 20 -2.65 -5.26 16.18
C ARG B 20 -3.54 -5.25 17.42
N LYS B 21 -3.97 -6.39 17.89
CA LYS B 21 -4.90 -6.41 19.04
C LYS B 21 -4.35 -5.80 20.34
N SER B 22 -3.17 -6.27 20.77
CA SER B 22 -2.58 -5.98 22.10
C SER B 22 -1.04 -5.90 22.02
N PRO B 23 -0.52 -4.76 22.31
CA PRO B 23 -1.31 -3.54 22.44
C PRO B 23 -1.80 -2.98 21.10
N GLN B 24 -2.94 -2.36 21.21
CA GLN B 24 -3.63 -1.76 20.10
C GLN B 24 -2.71 -0.75 19.41
N GLU B 25 -2.21 -1.20 18.30
CA GLU B 25 -1.20 -0.44 17.57
C GLU B 25 -1.40 -0.60 16.06
N LEU B 26 -1.45 0.50 15.33
CA LEU B 26 -1.54 0.40 13.86
C LEU B 26 -0.23 -0.14 13.35
N LEU B 27 -0.28 -1.32 12.70
CA LEU B 27 0.95 -2.01 12.23
C LEU B 27 1.44 -1.90 10.78
N CYS B 28 0.52 -1.71 9.89
CA CYS B 28 0.79 -1.40 8.50
C CYS B 28 -0.51 -1.07 7.77
N GLY B 29 -0.32 -0.86 6.49
CA GLY B 29 -1.51 -0.78 5.64
C GLY B 29 -1.72 -2.12 4.91
N ALA B 30 -2.67 -2.11 4.04
CA ALA B 30 -2.90 -3.27 3.22
C ALA B 30 -3.85 -2.85 2.10
N SER B 31 -4.28 -3.79 1.24
CA SER B 31 -5.29 -3.52 0.18
C SER B 31 -6.33 -4.64 -0.04
N LEU B 32 -7.52 -4.22 -0.39
CA LEU B 32 -8.61 -5.16 -0.61
C LEU B 32 -8.51 -5.58 -2.07
N ILE B 33 -8.35 -6.86 -2.30
CA ILE B 33 -8.36 -7.26 -3.70
C ILE B 33 -9.63 -8.01 -4.09
N SER B 34 -10.39 -8.29 -3.09
CA SER B 34 -11.57 -9.17 -3.11
C SER B 34 -12.34 -9.04 -1.78
N ASP B 35 -13.56 -9.47 -1.72
CA ASP B 35 -14.35 -9.49 -0.49
C ASP B 35 -13.80 -10.39 0.61
N ARG B 36 -12.84 -11.23 0.28
CA ARG B 36 -12.18 -12.09 1.30
C ARG B 36 -10.64 -12.02 1.31
N TRP B 37 -10.02 -11.42 0.28
CA TRP B 37 -8.53 -11.44 0.25
C TRP B 37 -7.95 -10.05 0.30
N VAL B 38 -6.95 -9.93 1.13
CA VAL B 38 -6.29 -8.65 1.41
C VAL B 38 -4.78 -8.80 1.18
N LEU B 39 -4.21 -7.91 0.42
CA LEU B 39 -2.78 -8.09 0.08
C LEU B 39 -1.98 -7.09 0.92
N THR B 40 -0.92 -7.58 1.54
CA THR B 40 0.00 -6.74 2.34
C THR B 40 1.48 -6.99 2.04
N ALA B 41 2.38 -6.23 2.66
CA ALA B 41 3.85 -6.49 2.54
C ALA B 41 4.22 -7.48 3.64
N ALA B 42 5.09 -8.38 3.32
CA ALA B 42 5.21 -9.51 4.25
C ALA B 42 5.84 -9.08 5.56
N HIS B 43 6.72 -8.07 5.52
CA HIS B 43 7.49 -7.74 6.71
C HIS B 43 6.62 -7.03 7.71
N CYS B 44 5.36 -6.85 7.39
CA CYS B 44 4.41 -6.38 8.44
C CYS B 44 4.12 -7.46 9.48
N LEU B 45 4.31 -8.66 8.98
CA LEU B 45 3.85 -9.88 9.63
C LEU B 45 5.10 -10.59 10.15
N LEU B 46 6.19 -10.49 9.38
CA LEU B 46 7.35 -11.38 9.63
C LEU B 46 8.68 -10.67 9.51
N TYR B 47 9.11 -10.00 10.56
CA TYR B 47 10.43 -9.35 10.51
C TYR B 47 11.32 -9.76 11.68
N PRO B 48 12.00 -10.86 11.51
CA PRO B 48 12.84 -11.41 12.58
C PRO B 48 13.85 -10.44 13.20
N PRO B 49 14.52 -9.57 12.43
CA PRO B 49 15.42 -8.56 13.05
C PRO B 49 14.77 -7.70 14.10
N TRP B 50 13.49 -7.49 13.97
CA TRP B 50 12.85 -6.85 15.11
C TRP B 50 11.88 -7.76 15.85
N ASP B 51 12.18 -9.04 15.83
CA ASP B 51 11.36 -10.00 16.55
C ASP B 51 9.86 -9.85 16.29
N LYS B 52 9.51 -9.84 15.03
CA LYS B 52 8.14 -9.50 14.62
C LYS B 52 7.54 -10.70 13.88
N ASN B 53 6.67 -11.44 14.55
CA ASN B 53 6.07 -12.66 13.97
C ASN B 53 4.61 -12.85 14.32
N PHE B 54 3.74 -12.40 13.41
CA PHE B 54 2.33 -12.42 13.73
C PHE B 54 1.64 -13.68 13.26
N THR B 55 0.64 -14.01 14.00
CA THR B 55 -0.20 -15.17 13.71
C THR B 55 -1.60 -14.63 13.49
N GLU B 56 -2.37 -15.31 12.67
CA GLU B 56 -3.72 -14.86 12.26
C GLU B 56 -4.55 -14.28 13.40
N ASN B 57 -4.30 -14.67 14.63
CA ASN B 57 -5.20 -14.21 15.70
C ASN B 57 -4.59 -13.14 16.60
N ASP B 58 -3.55 -12.54 16.09
CA ASP B 58 -2.97 -11.39 16.81
C ASP B 58 -3.58 -10.09 16.31
N LEU B 59 -3.92 -10.13 15.06
CA LEU B 59 -4.20 -8.89 14.35
C LEU B 59 -5.68 -8.94 13.99
N LEU B 60 -6.13 -7.80 13.54
CA LEU B 60 -7.46 -7.52 13.05
C LEU B 60 -7.25 -6.72 11.75
N VAL B 61 -8.25 -6.68 10.85
CA VAL B 61 -8.17 -5.89 9.64
C VAL B 61 -9.34 -4.90 9.64
N ARG B 62 -9.06 -3.59 9.61
CA ARG B 62 -10.11 -2.59 9.64
C ARG B 62 -10.18 -1.96 8.24
N ILE B 63 -11.34 -2.13 7.59
CA ILE B 63 -11.55 -1.77 6.16
C ILE B 63 -12.62 -0.68 6.08
N GLY B 64 -12.31 0.41 5.43
CA GLY B 64 -13.30 1.51 5.25
C GLY B 64 -12.96 2.82 5.97
N LYS B 65 -11.74 2.86 6.51
CA LYS B 65 -11.33 3.87 7.47
C LYS B 65 -10.89 5.21 6.87
N HIS B 66 -11.15 6.28 7.60
CA HIS B 66 -10.69 7.58 7.13
C HIS B 66 -9.69 8.17 8.12
N SER B 67 -10.24 8.26 9.34
CA SER B 67 -9.49 8.62 10.54
C SER B 67 -8.57 7.45 10.97
N ARG B 68 -7.40 7.80 11.55
CA ARG B 68 -6.32 6.81 11.89
C ARG B 68 -6.73 6.04 13.14
N THR B 69 -7.31 6.78 14.07
CA THR B 69 -7.67 6.29 15.41
C THR B 69 -9.16 6.11 15.68
N ARG B 70 -9.98 6.92 15.02
CA ARG B 70 -11.40 6.82 15.37
C ARG B 70 -12.13 5.54 14.98
N TYR B 71 -13.15 5.21 15.75
CA TYR B 71 -13.95 4.02 15.49
C TYR B 71 -15.16 4.37 14.65
N GLU B 72 -15.02 4.16 13.37
CA GLU B 72 -15.88 4.76 12.37
C GLU B 72 -17.09 3.88 12.13
N ARG B 73 -17.74 3.73 13.25
CA ARG B 73 -18.81 2.82 13.62
C ARG B 73 -19.75 2.48 12.48
N ASN B 74 -19.96 3.45 11.63
CA ASN B 74 -20.98 3.19 10.63
C ASN B 74 -20.39 2.86 9.25
N ILE B 75 -19.20 3.29 9.00
CA ILE B 75 -18.48 3.19 7.72
C ILE B 75 -17.54 1.96 7.65
N GLU B 76 -16.71 1.81 8.69
CA GLU B 76 -15.66 0.78 8.60
C GLU B 76 -16.18 -0.61 8.92
N LYS B 77 -15.40 -1.57 8.55
CA LYS B 77 -15.75 -2.96 8.84
C LYS B 77 -14.54 -3.69 9.46
N ILE B 78 -14.69 -4.42 10.60
CA ILE B 78 -13.51 -4.99 11.30
C ILE B 78 -13.44 -6.51 11.28
N SER B 79 -12.39 -7.04 10.62
CA SER B 79 -12.35 -8.47 10.21
C SER B 79 -11.21 -9.26 10.85
N MET B 80 -11.47 -10.54 10.95
CA MET B 80 -10.56 -11.53 11.52
C MET B 80 -9.94 -12.34 10.41
N LEU B 81 -8.74 -12.78 10.66
CA LEU B 81 -8.07 -13.55 9.63
C LEU B 81 -8.27 -15.05 9.82
N GLU B 82 -8.54 -15.69 8.69
CA GLU B 82 -8.49 -17.15 8.61
C GLU B 82 -7.10 -17.76 8.36
N LYS B 83 -6.36 -17.25 7.40
CA LYS B 83 -5.02 -17.80 7.13
C LYS B 83 -4.13 -16.67 6.63
N ILE B 84 -2.89 -16.70 7.05
CA ILE B 84 -1.93 -15.73 6.51
C ILE B 84 -0.98 -16.46 5.57
N TYR B 85 -0.73 -15.91 4.40
CA TYR B 85 0.26 -16.43 3.46
C TYR B 85 1.43 -15.47 3.21
N ILE B 86 2.63 -15.94 3.49
CA ILE B 86 3.86 -15.25 3.08
C ILE B 86 4.60 -16.01 1.97
N HIS B 87 4.92 -15.24 0.92
CA HIS B 87 5.73 -15.71 -0.21
C HIS B 87 6.99 -16.49 0.16
N PRO B 88 6.99 -17.74 -0.22
CA PRO B 88 8.06 -18.65 0.16
C PRO B 88 9.48 -18.17 -0.10
N ARG B 89 9.70 -17.24 -1.00
CA ARG B 89 11.09 -16.79 -1.24
C ARG B 89 11.39 -15.34 -0.81
N TYR B 90 10.55 -14.86 0.11
CA TYR B 90 10.65 -13.56 0.81
C TYR B 90 12.00 -13.48 1.53
N ASN B 91 12.80 -12.55 1.12
CA ASN B 91 14.14 -12.38 1.68
C ASN B 91 14.21 -11.15 2.57
N TRP B 92 13.94 -11.36 3.84
CA TRP B 92 14.06 -10.24 4.81
C TRP B 92 15.50 -9.90 5.17
N ARG B 93 16.36 -10.92 5.11
CA ARG B 93 17.77 -10.77 5.54
C ARG B 93 18.58 -9.79 4.70
N GLU B 94 18.53 -10.00 3.40
CA GLU B 94 19.53 -9.40 2.54
C GLU B 94 19.04 -8.19 1.75
N ASN B 95 17.86 -8.34 1.16
CA ASN B 95 17.43 -7.25 0.24
C ASN B 95 15.92 -6.98 0.18
N LEU B 96 15.19 -7.73 0.99
CA LEU B 96 13.73 -7.58 1.09
C LEU B 96 12.99 -7.96 -0.18
N ASP B 97 13.52 -8.94 -0.84
CA ASP B 97 12.94 -9.45 -2.09
C ASP B 97 11.71 -10.33 -1.85
N ARG B 98 10.71 -10.18 -2.68
CA ARG B 98 9.42 -10.84 -2.52
C ARG B 98 8.72 -10.57 -1.19
N ASP B 99 8.79 -9.28 -0.86
CA ASP B 99 8.01 -8.64 0.22
C ASP B 99 6.50 -8.59 -0.08
N ILE B 100 5.91 -9.73 -0.01
CA ILE B 100 4.47 -9.81 -0.28
C ILE B 100 3.86 -10.87 0.66
N ALA B 101 2.64 -10.64 1.00
CA ALA B 101 1.85 -11.56 1.80
C ALA B 101 0.37 -11.44 1.41
N LEU B 102 -0.30 -12.52 1.33
CA LEU B 102 -1.75 -12.40 1.30
C LEU B 102 -2.29 -12.69 2.70
N MET B 103 -3.51 -12.30 2.97
CA MET B 103 -4.24 -12.68 4.17
C MET B 103 -5.69 -12.91 3.74
N LYS B 104 -6.22 -14.04 4.09
CA LYS B 104 -7.60 -14.39 3.75
C LYS B 104 -8.52 -14.06 4.95
N LEU B 105 -9.62 -13.42 4.63
CA LEU B 105 -10.58 -12.99 5.63
C LEU B 105 -11.54 -14.10 6.01
N LYS B 106 -11.60 -14.35 7.32
CA LYS B 106 -12.46 -15.37 7.96
C LYS B 106 -13.89 -15.27 7.45
N LYS B 107 -14.29 -14.05 7.18
CA LYS B 107 -15.60 -13.85 6.54
C LYS B 107 -15.57 -12.72 5.52
N PRO B 108 -16.31 -12.83 4.43
CA PRO B 108 -16.23 -11.83 3.38
C PRO B 108 -16.89 -10.49 3.74
N VAL B 109 -16.36 -9.43 3.14
CA VAL B 109 -16.81 -8.06 3.50
C VAL B 109 -17.84 -7.57 2.50
N ALA B 110 -18.73 -6.77 3.01
CA ALA B 110 -19.76 -6.13 2.18
C ALA B 110 -19.19 -4.83 1.63
N PHE B 111 -19.31 -4.65 0.34
CA PHE B 111 -18.79 -3.49 -0.40
C PHE B 111 -19.70 -2.26 -0.30
N SER B 112 -19.15 -1.09 -0.13
CA SER B 112 -19.99 0.10 0.11
C SER B 112 -19.40 1.28 -0.64
N ASP B 113 -19.79 2.47 -0.26
CA ASP B 113 -19.26 3.67 -0.92
C ASP B 113 -17.83 3.89 -0.41
N TYR B 114 -17.52 3.21 0.65
CA TYR B 114 -16.22 3.37 1.27
C TYR B 114 -15.41 2.09 1.23
N ILE B 115 -15.95 0.98 0.75
CA ILE B 115 -15.19 -0.29 0.66
C ILE B 115 -15.37 -0.88 -0.71
N HIS B 116 -14.28 -1.00 -1.43
CA HIS B 116 -14.29 -1.56 -2.79
C HIS B 116 -12.87 -1.87 -3.23
N PRO B 117 -12.73 -3.00 -3.91
CA PRO B 117 -11.41 -3.58 -4.26
C PRO B 117 -10.76 -2.95 -5.49
N VAL B 118 -9.44 -2.95 -5.46
CA VAL B 118 -8.65 -2.36 -6.56
C VAL B 118 -8.45 -3.42 -7.64
N CYS B 119 -8.02 -3.03 -8.87
CA CYS B 119 -7.72 -4.10 -9.79
C CYS B 119 -6.30 -4.66 -9.69
N LEU B 120 -6.11 -5.89 -10.12
CA LEU B 120 -4.73 -6.38 -10.35
C LEU B 120 -4.43 -6.35 -11.83
N PRO B 121 -3.27 -5.77 -12.13
CA PRO B 121 -2.82 -5.60 -13.51
C PRO B 121 -2.73 -6.91 -14.28
N ASP B 122 -3.03 -6.76 -15.56
CA ASP B 122 -2.64 -7.73 -16.57
C ASP B 122 -1.41 -7.27 -17.35
N ARG B 123 -0.94 -8.09 -18.27
CA ARG B 123 0.36 -7.87 -18.93
C ARG B 123 0.47 -6.52 -19.64
N GLU B 124 -0.63 -6.11 -20.29
CA GLU B 124 -0.62 -4.90 -21.12
C GLU B 124 -0.68 -3.70 -20.22
N THR B 125 -1.49 -3.78 -19.20
CA THR B 125 -1.50 -2.72 -18.18
C THR B 125 -0.16 -2.58 -17.44
N ALA B 126 0.43 -3.69 -17.08
CA ALA B 126 1.78 -3.59 -16.51
C ALA B 126 2.70 -2.99 -17.58
N ALA B 127 2.51 -3.41 -18.80
CA ALA B 127 3.43 -3.03 -19.88
C ALA B 127 3.36 -1.55 -20.20
N SER B 128 2.18 -1.08 -20.12
CA SER B 128 1.99 0.27 -20.64
C SER B 128 2.03 1.33 -19.54
N LEU B 129 1.82 0.90 -18.30
CA LEU B 129 1.71 1.85 -17.22
C LEU B 129 2.96 1.90 -16.34
N LEU B 130 3.71 0.81 -16.22
CA LEU B 130 4.94 0.97 -15.37
C LEU B 130 6.08 1.60 -16.13
N GLN B 131 6.00 2.89 -16.29
CA GLN B 131 7.10 3.49 -17.04
C GLN B 131 7.73 4.60 -16.21
N ALA B 132 9.03 4.75 -16.38
CA ALA B 132 9.74 5.78 -15.67
C ALA B 132 9.14 7.10 -16.14
N GLY B 133 8.72 7.88 -15.20
CA GLY B 133 8.10 9.12 -15.62
C GLY B 133 6.69 9.13 -15.13
N TYR B 134 6.06 7.98 -15.20
CA TYR B 134 4.63 8.05 -14.90
C TYR B 134 4.46 8.04 -13.39
N LYS B 135 3.55 8.87 -12.96
CA LYS B 135 3.16 8.92 -11.55
C LYS B 135 2.21 7.78 -11.13
N GLY B 136 2.52 7.31 -9.91
CA GLY B 136 1.61 6.50 -9.09
C GLY B 136 1.06 7.24 -7.87
N ARG B 137 0.09 6.64 -7.21
CA ARG B 137 -0.47 7.24 -5.99
C ARG B 137 -0.31 6.26 -4.83
N VAL B 138 0.28 6.75 -3.69
CA VAL B 138 0.53 6.01 -2.40
C VAL B 138 -0.34 6.60 -1.28
N THR B 139 -0.99 5.76 -0.50
CA THR B 139 -1.72 6.34 0.66
C THR B 139 -1.44 5.54 1.95
N GLY B 140 -1.79 6.06 3.09
CA GLY B 140 -1.39 5.42 4.36
C GLY B 140 -1.33 6.36 5.57
N TRP B 141 -1.32 5.74 6.73
CA TRP B 141 -1.47 6.45 8.00
C TRP B 141 -0.13 6.47 8.70
N GLY B 142 0.89 6.13 7.98
CA GLY B 142 2.24 6.07 8.56
C GLY B 142 2.78 7.45 8.84
N ASN B 143 4.03 7.42 9.41
CA ASN B 143 4.76 8.62 9.91
C ASN B 143 4.83 9.77 8.89
N LEU B 144 4.57 10.97 9.37
CA LEU B 144 4.56 12.17 8.49
C LEU B 144 5.97 12.69 8.14
N LYS B 145 6.91 12.34 8.95
CA LYS B 145 8.25 12.90 8.84
C LYS B 145 9.19 11.76 9.16
N GLU B 146 10.49 11.78 8.74
CA GLU B 146 11.44 10.74 9.19
C GLU B 146 11.66 10.66 10.71
N THR B 147 12.12 11.77 11.30
CA THR B 147 12.13 11.99 12.78
C THR B 147 11.53 13.36 13.05
N TRP B 148 11.13 13.56 14.28
CA TRP B 148 10.54 14.84 14.73
C TRP B 148 10.92 15.09 16.18
N THR B 149 10.61 16.24 16.66
CA THR B 149 10.83 16.53 18.07
C THR B 149 9.72 15.92 18.93
N ALA B 150 10.25 15.09 19.75
CA ALA B 150 9.42 14.34 20.65
C ALA B 150 8.49 15.24 21.47
N ASN B 151 7.27 14.82 21.46
CA ASN B 151 6.23 15.39 22.31
C ASN B 151 5.91 16.81 21.86
N VAL B 152 6.51 17.33 20.79
CA VAL B 152 6.05 18.65 20.30
C VAL B 152 5.16 18.49 19.05
N GLY B 153 3.99 17.91 19.25
CA GLY B 153 3.09 17.68 18.10
C GLY B 153 2.66 16.23 17.95
N LYS B 154 2.31 15.86 16.73
CA LYS B 154 1.85 14.49 16.34
C LYS B 154 2.50 14.06 15.02
N GLY B 155 3.20 12.96 15.07
CA GLY B 155 4.06 12.57 13.95
C GLY B 155 3.32 11.60 13.06
N GLN B 156 2.17 11.21 13.51
CA GLN B 156 1.33 10.45 12.61
C GLN B 156 -0.02 11.13 12.44
N PRO B 157 -0.52 11.02 11.23
CA PRO B 157 -1.62 11.87 10.78
C PRO B 157 -2.94 11.57 11.46
N SER B 158 -3.83 12.52 11.39
CA SER B 158 -5.17 12.33 11.96
C SER B 158 -6.08 11.51 11.05
N VAL B 159 -5.81 11.66 9.76
CA VAL B 159 -6.56 11.07 8.63
C VAL B 159 -5.61 10.44 7.62
N LEU B 160 -6.13 9.52 6.79
CA LEU B 160 -5.42 8.96 5.62
C LEU B 160 -4.79 10.03 4.75
N GLN B 161 -3.53 9.82 4.48
CA GLN B 161 -2.76 10.74 3.60
C GLN B 161 -2.57 10.21 2.17
N VAL B 162 -2.47 11.12 1.21
CA VAL B 162 -2.20 10.80 -0.21
C VAL B 162 -0.95 11.52 -0.67
N VAL B 163 -0.11 10.79 -1.33
CA VAL B 163 0.90 11.43 -2.16
C VAL B 163 0.99 10.72 -3.52
N ASN B 164 1.01 11.50 -4.63
CA ASN B 164 1.34 11.06 -6.02
C ASN B 164 2.84 11.23 -6.29
N LEU B 165 3.48 10.18 -6.76
CA LEU B 165 4.92 10.34 -7.09
C LEU B 165 5.40 9.45 -8.25
N PRO B 166 6.35 9.92 -9.02
CA PRO B 166 6.65 9.30 -10.31
C PRO B 166 7.60 8.13 -10.12
N ILE B 167 7.63 7.28 -11.13
CA ILE B 167 8.47 6.07 -11.15
C ILE B 167 9.80 6.40 -11.80
N VAL B 168 10.83 6.01 -11.08
CA VAL B 168 12.20 6.28 -11.50
C VAL B 168 12.69 5.10 -12.34
N GLU B 169 13.58 5.37 -13.23
CA GLU B 169 14.25 4.30 -14.00
C GLU B 169 15.17 3.45 -13.14
N ARG B 170 15.07 2.18 -13.40
CA ARG B 170 15.95 1.17 -12.80
C ARG B 170 17.41 1.58 -12.57
N PRO B 171 18.09 2.09 -13.57
CA PRO B 171 19.50 2.43 -13.31
C PRO B 171 19.64 3.46 -12.20
N VAL B 172 18.76 4.46 -12.21
CA VAL B 172 18.81 5.49 -11.23
C VAL B 172 18.43 4.91 -9.87
N CYS B 173 17.48 3.99 -9.90
CA CYS B 173 17.16 3.39 -8.58
C CYS B 173 18.37 2.65 -8.10
N LYS B 174 18.91 1.92 -9.05
CA LYS B 174 20.01 1.02 -8.72
C LYS B 174 21.24 1.77 -8.21
N ASP B 175 21.45 2.99 -8.67
CA ASP B 175 22.62 3.70 -8.15
C ASP B 175 22.26 4.69 -7.05
N SER B 176 21.06 4.49 -6.50
CA SER B 176 20.71 5.29 -5.32
C SER B 176 21.01 4.54 -4.03
N THR B 177 21.15 3.24 -4.13
CA THR B 177 21.35 2.41 -2.94
C THR B 177 22.50 1.45 -3.17
N ARG B 178 22.97 0.92 -2.09
CA ARG B 178 24.00 -0.09 -2.21
C ARG B 178 23.38 -1.43 -1.88
N ILE B 179 22.07 -1.44 -1.70
CA ILE B 179 21.30 -2.67 -1.40
C ILE B 179 20.88 -3.33 -2.72
N ARG B 180 20.81 -4.67 -2.70
CA ARG B 180 20.61 -5.48 -3.94
C ARG B 180 19.20 -5.47 -4.53
N ILE B 181 18.98 -4.51 -5.39
CA ILE B 181 17.72 -4.35 -6.13
C ILE B 181 17.44 -5.54 -7.05
N THR B 182 16.24 -6.06 -6.91
CA THR B 182 15.72 -7.22 -7.62
C THR B 182 14.54 -6.84 -8.51
N ASP B 183 14.31 -7.66 -9.49
CA ASP B 183 13.33 -7.35 -10.54
C ASP B 183 11.92 -7.51 -10.01
N ASN B 184 11.84 -7.85 -8.74
CA ASN B 184 10.56 -7.74 -8.01
C ASN B 184 10.41 -6.47 -7.19
N MET B 185 11.12 -5.42 -7.55
CA MET B 185 10.96 -4.10 -6.91
C MET B 185 10.83 -2.99 -7.96
N PHE B 186 10.17 -1.93 -7.55
CA PHE B 186 10.50 -0.69 -8.24
C PHE B 186 10.83 0.45 -7.27
N CYS B 187 11.46 1.50 -7.72
CA CYS B 187 11.55 2.62 -6.81
C CYS B 187 10.81 3.74 -7.46
N ALA B 188 10.38 4.67 -6.60
CA ALA B 188 9.55 5.82 -7.00
C ALA B 188 9.83 7.05 -6.12
N GLY B 189 9.68 8.23 -6.68
CA GLY B 189 9.81 9.49 -5.96
C GLY B 189 10.28 10.56 -6.92
N TYR B 190 10.61 11.73 -6.38
CA TYR B 190 11.13 12.80 -7.22
C TYR B 190 12.65 12.95 -7.07
N LYS B 191 13.28 13.39 -8.12
CA LYS B 191 14.73 13.68 -8.12
C LYS B 191 14.96 14.99 -7.37
N PRO B 192 16.14 15.10 -6.82
CA PRO B 192 16.56 16.34 -6.14
C PRO B 192 16.43 17.58 -7.02
N ASP B 193 16.72 17.43 -8.29
CA ASP B 193 16.53 18.54 -9.21
C ASP B 193 15.06 18.76 -9.49
N GLU B 194 14.19 17.90 -8.95
CA GLU B 194 12.74 17.94 -9.32
C GLU B 194 11.91 18.98 -8.61
N GLY B 195 12.34 19.30 -7.41
CA GLY B 195 11.71 20.45 -6.73
C GLY B 195 10.32 20.12 -6.19
N LYS B 196 10.03 18.84 -6.13
CA LYS B 196 8.85 18.33 -5.42
C LYS B 196 9.27 17.18 -4.51
N ARG B 197 8.55 17.00 -3.41
CA ARG B 197 8.87 15.94 -2.44
C ARG B 197 7.69 15.01 -2.23
N GLY B 198 7.96 13.99 -1.45
CA GLY B 198 6.96 13.05 -0.94
C GLY B 198 7.65 11.69 -0.77
N ASP B 199 7.12 10.90 0.09
CA ASP B 199 7.56 9.52 0.21
C ASP B 199 6.53 8.80 1.07
N ALA B 200 6.74 7.55 1.25
CA ALA B 200 6.03 6.83 2.29
C ALA B 200 7.00 6.58 3.45
N CYS B 201 6.49 6.23 4.58
CA CYS B 201 7.38 6.14 5.70
C CYS B 201 6.82 5.05 6.61
N GLU B 202 7.29 4.97 7.79
CA GLU B 202 7.11 3.73 8.50
C GLU B 202 5.67 3.70 8.94
N GLY B 203 5.12 2.50 8.76
CA GLY B 203 3.70 2.26 9.00
C GLY B 203 2.88 2.45 7.74
N ASP B 204 3.51 2.84 6.63
CA ASP B 204 2.75 2.99 5.38
C ASP B 204 2.79 1.71 4.57
N SER B 205 3.65 0.80 4.97
CA SER B 205 3.86 -0.47 4.30
C SER B 205 2.61 -1.26 4.04
N GLY B 206 2.66 -1.93 2.94
CA GLY B 206 1.55 -2.81 2.61
C GLY B 206 0.46 -2.02 1.89
N GLY B 207 0.48 -0.75 2.14
CA GLY B 207 -0.33 0.20 1.40
C GLY B 207 0.00 0.05 -0.08
N PRO B 208 -1.02 0.28 -0.87
CA PRO B 208 -0.95 0.09 -2.32
C PRO B 208 -0.37 1.30 -3.05
N PHE B 209 0.51 1.04 -4.00
CA PHE B 209 0.92 2.02 -5.03
C PHE B 209 0.08 1.75 -6.29
N VAL B 210 -0.83 2.70 -6.54
CA VAL B 210 -1.77 2.45 -7.62
C VAL B 210 -1.57 3.39 -8.80
N MET B 211 -2.04 2.94 -9.98
CA MET B 211 -2.22 3.83 -11.17
C MET B 211 -3.66 3.76 -11.71
N LYS B 212 -4.11 4.82 -12.39
CA LYS B 212 -5.45 4.86 -13.05
C LYS B 212 -5.29 4.80 -14.56
N SER B 213 -5.92 3.84 -15.19
CA SER B 213 -5.89 3.73 -16.66
C SER B 213 -6.84 4.72 -17.33
N PRO B 214 -6.32 5.52 -18.23
CA PRO B 214 -7.13 6.58 -18.85
C PRO B 214 -8.22 6.08 -19.79
N PHE B 215 -8.13 4.82 -20.13
CA PHE B 215 -8.89 4.18 -21.20
C PHE B 215 -10.05 3.42 -20.62
N ASN B 216 -9.84 2.80 -19.49
CA ASN B 216 -11.01 2.17 -18.86
C ASN B 216 -11.47 2.82 -17.56
N ASN B 217 -10.70 3.84 -17.24
CA ASN B 217 -10.98 4.80 -16.17
C ASN B 217 -10.84 4.17 -14.78
N ARG B 218 -10.25 3.00 -14.70
CA ARG B 218 -10.06 2.17 -13.46
C ARG B 218 -8.66 2.25 -12.84
N TRP B 219 -8.64 1.93 -11.58
CA TRP B 219 -7.41 1.82 -10.82
C TRP B 219 -6.79 0.41 -10.67
N TYR B 220 -5.47 0.39 -10.90
CA TYR B 220 -4.67 -0.83 -10.77
C TYR B 220 -3.59 -0.71 -9.71
N GLN B 221 -3.53 -1.69 -8.86
CA GLN B 221 -2.45 -1.72 -7.92
C GLN B 221 -1.18 -2.24 -8.59
N MET B 222 -0.24 -1.38 -8.84
CA MET B 222 1.08 -1.77 -9.39
C MET B 222 2.12 -2.13 -8.33
N GLY B 223 2.08 -1.55 -7.12
CA GLY B 223 3.07 -1.92 -6.09
C GLY B 223 2.55 -1.83 -4.66
N ILE B 224 3.43 -2.21 -3.78
CA ILE B 224 3.20 -2.38 -2.34
C ILE B 224 4.32 -1.66 -1.63
N VAL B 225 3.93 -0.74 -0.74
CA VAL B 225 4.95 0.05 0.03
C VAL B 225 5.81 -0.92 0.86
N SER B 226 7.10 -0.96 0.50
CA SER B 226 8.03 -2.00 0.98
C SER B 226 9.15 -1.47 1.89
N TRP B 227 10.16 -0.80 1.34
CA TRP B 227 11.30 -0.33 2.16
C TRP B 227 11.92 0.97 1.64
N GLY B 228 12.97 1.44 2.26
CA GLY B 228 13.65 2.67 1.78
C GLY B 228 14.72 3.04 2.78
N GLU B 229 15.63 3.99 2.47
CA GLU B 229 16.61 4.56 3.44
C GLU B 229 16.19 5.89 4.07
N GLY B 230 15.65 5.74 5.25
CA GLY B 230 14.99 6.85 5.91
C GLY B 230 13.66 7.16 5.25
N CYS B 231 13.38 8.42 5.21
CA CYS B 231 12.19 8.86 4.52
C CYS B 231 12.51 10.26 4.04
N ASP B 232 12.10 10.54 2.81
CA ASP B 232 12.07 11.84 2.11
C ASP B 232 13.42 12.56 2.11
N ARG B 233 14.45 11.74 1.96
CA ARG B 233 15.84 12.13 1.66
C ARG B 233 16.13 12.45 0.20
N ASP B 234 17.01 13.42 0.00
CA ASP B 234 17.31 13.84 -1.37
C ASP B 234 18.23 12.80 -2.02
N GLY B 235 17.88 12.45 -3.26
CA GLY B 235 18.63 11.44 -4.02
C GLY B 235 18.40 10.03 -3.51
N LYS B 236 17.28 9.91 -2.84
CA LYS B 236 16.83 8.66 -2.25
C LYS B 236 15.38 8.39 -2.68
N TYR B 237 15.13 7.19 -3.09
CA TYR B 237 13.80 6.80 -3.60
C TYR B 237 13.22 5.67 -2.73
N GLY B 238 11.89 5.60 -2.70
CA GLY B 238 11.16 4.55 -1.94
C GLY B 238 11.05 3.28 -2.79
N PHE B 239 11.17 2.12 -2.19
CA PHE B 239 11.02 0.90 -3.00
C PHE B 239 9.74 0.14 -2.71
N TYR B 240 9.14 -0.37 -3.79
CA TYR B 240 7.85 -1.04 -3.76
C TYR B 240 7.95 -2.43 -4.40
N THR B 241 7.09 -3.29 -3.95
CA THR B 241 7.01 -4.68 -4.36
C THR B 241 6.16 -4.76 -5.61
N HIS B 242 6.88 -5.02 -6.63
CA HIS B 242 6.35 -5.10 -7.98
C HIS B 242 5.34 -6.24 -8.11
N VAL B 243 4.10 -5.88 -7.88
CA VAL B 243 2.97 -6.81 -7.85
C VAL B 243 2.81 -7.64 -9.09
N PHE B 244 3.19 -7.09 -10.23
CA PHE B 244 2.87 -7.82 -11.46
C PHE B 244 3.80 -9.01 -11.60
N ARG B 245 5.03 -8.87 -11.18
CA ARG B 245 5.86 -10.07 -11.29
C ARG B 245 5.47 -11.06 -10.22
N LEU B 246 4.70 -10.66 -9.24
CA LEU B 246 4.36 -11.64 -8.20
C LEU B 246 2.96 -12.20 -8.32
N LYS B 247 2.26 -11.88 -9.41
CA LYS B 247 0.84 -12.24 -9.66
C LYS B 247 0.49 -13.73 -9.84
N LYS B 248 1.36 -14.50 -10.50
CA LYS B 248 1.27 -15.98 -10.59
C LYS B 248 1.26 -16.69 -9.21
N TRP B 249 2.00 -16.13 -8.28
CA TRP B 249 1.98 -16.65 -6.92
C TRP B 249 0.61 -16.34 -6.32
N ILE B 250 0.13 -15.10 -6.57
CA ILE B 250 -1.15 -14.63 -6.02
C ILE B 250 -2.27 -15.44 -6.64
N GLN B 251 -2.01 -15.92 -7.86
CA GLN B 251 -2.91 -16.88 -8.53
C GLN B 251 -2.95 -18.25 -7.86
N LYS B 252 -1.76 -18.73 -7.58
CA LYS B 252 -1.56 -20.05 -6.98
C LYS B 252 -2.33 -20.12 -5.68
N VAL B 253 -2.34 -19.00 -4.94
CA VAL B 253 -2.90 -19.06 -3.58
C VAL B 253 -4.32 -18.55 -3.43
N ILE B 254 -4.77 -17.76 -4.39
CA ILE B 254 -6.21 -17.51 -4.37
C ILE B 254 -6.97 -18.70 -4.93
N ASP B 255 -6.39 -19.32 -5.98
CA ASP B 255 -6.84 -20.61 -6.54
C ASP B 255 -8.33 -20.61 -6.93
N GLN B 256 -8.69 -19.46 -7.50
CA GLN B 256 -10.07 -18.96 -7.62
C GLN B 256 -11.04 -20.01 -8.17
N PHE B 257 -10.52 -20.77 -9.10
CA PHE B 257 -11.38 -21.69 -9.84
C PHE B 257 -11.35 -23.08 -9.21
N GLY B 258 -11.58 -23.00 -7.92
CA GLY B 258 -11.56 -24.16 -7.02
C GLY B 258 -12.49 -24.09 -5.80
N GLU B 259 -12.07 -24.85 -4.83
CA GLU B 259 -12.96 -25.37 -3.79
C GLU B 259 -13.20 -24.36 -2.66
N GLY C 1 0.06 7.01 19.12
CA GLY C 1 -0.86 5.87 19.35
C GLY C 1 -2.11 6.25 20.16
N ASP C 2 -3.05 6.89 19.45
CA ASP C 2 -4.06 7.71 20.13
C ASP C 2 -5.50 7.16 20.02
N PHE C 3 -5.63 5.84 20.03
CA PHE C 3 -6.76 5.09 19.43
C PHE C 3 -8.05 5.08 20.22
N GLU C 4 -9.18 4.87 19.53
CA GLU C 4 -10.49 4.87 20.17
C GLU C 4 -10.97 3.45 20.45
N GLU C 5 -12.22 3.42 20.90
CA GLU C 5 -13.06 2.22 21.16
C GLU C 5 -12.91 1.21 20.04
N ILE C 6 -12.99 -0.04 20.40
CA ILE C 6 -13.57 -0.98 19.37
C ILE C 6 -14.14 -2.13 20.20
N PRO C 7 -15.29 -2.59 19.78
CA PRO C 7 -16.02 -3.64 20.51
C PRO C 7 -15.10 -4.77 20.96
N GLU C 8 -15.08 -4.97 22.27
CA GLU C 8 -14.17 -5.85 23.02
C GLU C 8 -14.20 -7.29 22.50
N GLU C 9 -15.29 -7.51 21.77
CA GLU C 9 -15.61 -8.75 21.07
C GLU C 9 -14.43 -9.08 20.15
N TYR C 10 -13.84 -8.04 19.56
CA TYR C 10 -12.67 -8.17 18.69
C TYR C 10 -11.33 -8.14 19.42
N LEU C 11 -11.31 -7.67 20.66
CA LEU C 11 -10.01 -7.63 21.31
C LEU C 11 -9.71 -8.86 22.15
N GLN C 12 -10.61 -9.81 22.17
CA GLN C 12 -10.35 -11.03 22.99
C GLN C 12 -9.58 -12.17 22.30
N ASP D 2 23.14 -8.24 3.82
CA ASP D 2 22.81 -7.28 4.88
C ASP D 2 22.23 -5.89 4.55
N PHE D 3 20.94 -5.92 4.65
CA PHE D 3 20.01 -4.82 4.49
C PHE D 3 20.22 -3.78 5.57
N LEU D 4 20.18 -4.27 6.82
CA LEU D 4 20.31 -3.45 8.03
C LEU D 4 21.66 -2.74 8.04
N ALA D 5 22.64 -3.53 7.63
CA ALA D 5 23.99 -2.97 7.57
C ALA D 5 24.07 -1.85 6.56
N GLU D 6 23.44 -2.10 5.44
CA GLU D 6 23.63 -1.10 4.39
C GLU D 6 22.75 0.09 4.69
N GLY D 7 22.13 0.05 5.85
CA GLY D 7 21.33 1.20 6.30
C GLY D 7 19.90 1.17 5.77
N GLY D 8 19.45 -0.02 5.42
CA GLY D 8 18.12 -0.23 4.87
C GLY D 8 17.05 -0.20 5.95
N GLY D 9 15.79 0.01 5.58
CA GLY D 9 14.73 0.07 6.59
C GLY D 9 13.37 -0.23 5.97
N VAL D 10 12.77 -1.26 6.52
CA VAL D 10 11.44 -1.76 6.22
C VAL D 10 10.37 -0.78 6.70
#